data_2LZK
#
_entry.id   2LZK
#
loop_
_entity.id
_entity.type
_entity.pdbx_description
1 polymer "DNA (5'-D(*CP*CP*AP*TP*CP*GP*CP*TP*AP*CP*C)-3')"
2 polymer "DNA (5'-D(*GP*GP*TP*AP*GP*CP*GP*AP*TP*GP*G)-3')"
3 non-polymer (11S,12S,13S)-11,12,13,14-tetrahydronaphtho[1,2,3,4-pqr]tetraphene-11,12,13-triol
#
loop_
_entity_poly.entity_id
_entity_poly.type
_entity_poly.pdbx_seq_one_letter_code
_entity_poly.pdbx_strand_id
1 'polydeoxyribonucleotide' (DC)(DC)(DA)(DT)(DC)(DG)(DC)(DT)(DA)(DC)(DC) A
2 'polydeoxyribonucleotide' (DG)(DG)(DT)(DA)(DG)(DC)(DG)(DA)(DT)(DG)(DG) B
#
loop_
_chem_comp.id
_chem_comp.type
_chem_comp.name
_chem_comp.formula
14L non-polymer (11S,12S,13S)-11,12,13,14-tetrahydronaphtho[1,2,3,4-pqr]tetraphene-11,12,13-triol 'C24 H18 O3'
DA DNA linking 2'-DEOXYADENOSINE-5'-MONOPHOSPHATE 'C10 H14 N5 O6 P'
DC DNA linking 2'-DEOXYCYTIDINE-5'-MONOPHOSPHATE 'C9 H14 N3 O7 P'
DG DNA linking 2'-DEOXYGUANOSINE-5'-MONOPHOSPHATE 'C10 H14 N5 O7 P'
DT DNA linking THYMIDINE-5'-MONOPHOSPHATE 'C10 H15 N2 O8 P'
#
# COMPACT_ATOMS: atom_id res chain seq x y z
C14 14L C . 2.56 -1.88 -0.73
C13 14L C . 3.34 -3.00 -0.12
O13 14L C . 4.65 -3.06 -0.74
C12 14L C . 2.69 -4.33 -0.14
O12 14L C . 2.66 -4.83 -1.43
C11 14L C . 1.33 -4.20 0.57
O11 14L C . 1.55 -4.19 1.95
C16 14L C . 0.44 -2.90 0.30
C10 14L C . -0.75 -2.60 0.96
C17 14L C . -1.42 -1.39 0.84
C18 14L C . -0.85 -0.40 0.05
C9 14L C . -2.52 -1.10 1.65
C8 14L C . -3.17 0.15 1.67
C20 14L C . -2.52 1.14 0.90
C21 14L C . -1.37 0.90 0.10
C7 14L C . -2.95 2.49 1.16
C6 14L C . -2.30 3.50 0.44
C5 14L C . -1.29 3.25 -0.55
C22 14L C . -0.80 1.91 -0.71
C23 14L C . 0.18 1.55 -1.67
C4 14L C . 0.63 2.58 -2.61
C3 14L C . 1.46 2.25 -3.69
C2 14L C . 1.81 0.89 -3.89
C1 14L C . 1.42 -0.04 -2.90
C24 14L C . 0.64 0.25 -1.75
C19 14L C . 0.27 -0.70 -0.75
C15 14L C . 1.04 -1.85 -0.45
H14 14L C . 2.75 -1.85 -1.81
H13 14L C . 3.50 -2.74 0.92
HO13 14L C . 4.93 -2.20 -1.02
H12 14L C . 3.28 -4.96 0.54
HO12 14L C . 3.51 -4.71 -1.87
H11 14L C . 0.67 -5.03 0.34
HO11 14L C . 1.43 -3.28 2.24
H10 14L C . -1.17 -3.35 1.61
H9 14L C . -2.78 -1.74 2.47
H8 14L C . -4.00 0.50 2.27
H7 14L C . -3.66 2.66 1.96
H6 14L C . -2.71 4.49 0.59
H5 14L C . -0.84 4.09 -1.05
H4 14L C . 0.38 3.62 -2.47
H3 14L C . 1.83 2.98 -4.40
H2 14L C . 2.54 0.56 -4.62
H1 14L C . 1.61 -1.06 -3.21
C14 14L C . 1.87 -0.92 -0.09
C13 14L C . 2.51 -2.16 0.56
O13 14L C . 3.93 -2.24 0.25
C12 14L C . 1.82 -3.50 0.30
O12 14L C . 1.69 -3.85 -1.05
C11 14L C . 0.40 -3.38 0.90
O11 14L C . 0.47 -3.88 2.16
C16 14L C . -0.21 -1.97 0.87
C10 14L C . -1.48 -1.81 1.47
C17 14L C . -2.03 -0.49 1.62
C18 14L C . -1.48 0.55 0.86
C9 14L C . -3.09 -0.31 2.57
C8 14L C . -3.56 0.98 2.77
C20 14L C . -3.08 2.05 2.00
C21 14L C . -1.97 1.83 1.11
C7 14L C . -3.51 3.33 2.31
C6 14L C . -3.00 4.43 1.62
C5 14L C . -1.95 4.19 0.67
C22 14L C . -1.48 2.93 0.40
C23 14L C . -0.54 2.66 -0.68
C4 14L C . -0.07 3.67 -1.51
C3 14L C . 0.73 3.48 -2.63
C2 14L C . 0.94 2.16 -3.00
C1 14L C . 0.56 1.10 -2.14
C24 14L C . -0.06 1.37 -0.92
C19 14L C . -0.40 0.35 0.02
C15 14L C . 0.37 -0.83 0.18
H14 14L C . 1.95 -1.14 -1.16
H13 14L C . 2.54 -2.06 1.65
HO13 14L C . 4.23 -1.51 -0.30
H12 14L C . 2.34 -4.28 0.85
HO12 14L C . 2.54 -4.00 -1.48
H11 14L C . -0.27 -4.10 0.46
HO11 14L C . 0.38 -3.21 2.84
H10 14L C . -1.94 -2.62 2.02
H9 14L C . -3.38 -1.09 3.27
H8 14L C . -4.43 1.20 3.38
H7 14L C . -4.33 3.45 3.01
H6 14L C . -3.49 5.37 1.83
H5 14L C . -1.48 5.04 0.22
H4 14L C . -0.40 4.69 -1.43
H3 14L C . 0.96 4.25 -3.36
H2 14L C . 1.47 2.00 -3.92
H1 14L C . 0.81 0.14 -2.55
C14 14L C . 2.26 -2.37 -0.10
C13 14L C . 2.98 -3.54 0.67
O13 14L C . 4.37 -3.70 0.21
C12 14L C . 2.19 -4.83 0.47
O12 14L C . 1.88 -5.02 -0.90
C11 14L C . 0.90 -4.67 1.28
O11 14L C . 1.14 -4.98 2.61
C16 14L C . 0.18 -3.34 1.01
C10 14L C . -1.15 -3.10 1.62
C17 14L C . -1.81 -1.87 1.47
C18 14L C . -1.29 -0.88 0.61
C9 14L C . -2.95 -1.70 2.23
C8 14L C . -3.61 -0.46 2.11
C20 14L C . -2.99 0.62 1.45
C21 14L C . -1.89 0.41 0.60
C7 14L C . -3.50 1.93 1.69
C6 14L C . -2.91 3.01 1.00
C5 14L C . -1.81 2.79 0.15
C22 14L C . -1.26 1.50 -0.07
C23 14L C . -0.18 1.28 -0.93
C4 14L C . 0.22 2.21 -1.81
C3 14L C . 1.21 1.87 -2.76
C2 14L C . 1.67 0.58 -2.94
C1 14L C . 1.18 -0.31 -2.02
C24 14L C . 0.30 -0.07 -1.00
C19 14L C . -0.06 -1.14 -0.10
C15 14L C . 0.73 -2.31 0.17
H14 14L C . 2.55 -2.48 -1.14
H13 14L C . 3.16 -3.31 1.72
HO13 14L C . 4.49 -2.91 -0.34
H12 14L C . 2.72 -5.68 0.90
HO12 14L C . 2.69 -5.17 -1.40
H11 14L C . 0.27 -5.42 0.80
HO11 14L C . 1.08 -4.17 3.14
H10 14L C . -1.55 -3.86 2.29
H9 14L C . -3.27 -2.42 2.96
H8 14L C . -4.47 -0.24 2.72
H7 14L C . -4.29 2.07 2.42
H6 14L C . -3.23 3.98 1.34
H5 14L C . -1.29 3.62 -0.31
H4 14L C . -0.19 3.21 -1.84
H3 14L C . 1.52 2.63 -3.46
H2 14L C . 2.32 0.21 -3.72
H1 14L C . 1.48 -1.31 -2.28
C14 14L C . 2.17 -0.76 -0.19
C13 14L C . 2.80 -2.02 0.30
O13 14L C . 3.83 -2.55 -0.51
C12 14L C . 1.78 -3.10 0.41
O12 14L C . 1.20 -3.47 -0.86
C11 14L C . 0.70 -2.74 1.47
O11 14L C . 1.26 -2.76 2.78
C16 14L C . 0.06 -1.43 1.11
C10 14L C . -1.06 -0.94 1.82
C17 14L C . -1.50 0.36 1.73
C18 14L C . -0.87 1.26 0.90
C9 14L C . -2.42 0.89 2.72
C8 14L C . -2.85 2.21 2.61
C20 14L C . -2.22 3.09 1.75
C21 14L C . -1.19 2.61 0.91
C7 14L C . -2.41 4.41 2.00
C6 14L C . -1.78 5.39 1.14
C5 14L C . -0.91 4.93 0.14
C22 14L C . -0.61 3.49 -0.01
C23 14L C . 0.11 2.95 -1.12
C4 14L C . 0.54 3.84 -2.16
C3 14L C . 1.15 3.25 -3.28
C2 14L C . 1.18 1.89 -3.43
C1 14L C . 0.85 1.04 -2.40
C24 14L C . 0.37 1.55 -1.17
C19 14L C . 0.04 0.72 -0.07
C15 14L C . 0.70 -0.50 0.22
H14 14L C . 2.19 -0.85 -1.27
H13 14L C . 3.08 -1.81 1.33
HO13 14L C . 3.67 -2.24 -1.41
H12 14L C . 2.36 -3.92 0.82
HO12 14L C . 1.12 -4.42 -0.87
H11 14L C . -0.09 -3.48 1.49
HO11 14L C . 1.03 -1.95 3.25
H10 14L C . -1.52 -1.65 2.50
H9 14L C . -2.67 0.42 3.66
H8 14L C . -3.62 2.54 3.30
H7 14L C . -3.14 4.76 2.71
H6 14L C . -2.10 6.42 1.06
H5 14L C . -0.54 5.64 -0.58
H4 14L C . 0.49 4.92 -2.21
H3 14L C . 1.37 3.85 -4.15
H2 14L C . 1.69 1.48 -4.28
H1 14L C . 0.88 -0.03 -2.54
C14 14L C . 2.07 -0.49 -0.79
C13 14L C . 2.89 -1.53 -0.02
O13 14L C . 4.17 -1.77 -0.65
C12 14L C . 2.12 -2.85 0.10
O12 14L C . 1.76 -3.45 -1.06
C11 14L C . 0.77 -2.68 0.80
O11 14L C . 1.04 -2.97 2.20
C16 14L C . 0.13 -1.35 0.58
C10 14L C . -0.95 -1.04 1.40
C17 14L C . -1.61 0.22 1.25
C18 14L C . -1.23 1.12 0.24
C9 14L C . -2.65 0.60 2.15
C8 14L C . -3.30 1.78 1.99
C20 14L C . -2.88 2.64 1.04
C21 14L C . -1.84 2.34 0.11
C7 14L C . -3.52 3.91 0.97
C6 14L C . -3.04 4.84 0.00
C5 14L C . -2.01 4.57 -0.93
C22 14L C . -1.45 3.27 -0.87
C23 14L C . -0.52 2.85 -1.87
C4 14L C . -0.11 3.67 -2.98
C3 14L C . 0.71 3.17 -3.98
C2 14L C . 1.06 1.75 -4.05
C1 14L C . 0.74 1.06 -2.90
C24 14L C . 0.05 1.58 -1.76
C19 14L C . -0.19 0.79 -0.65
C15 14L C . 0.64 -0.36 -0.35
H14 14L C . 2.20 -0.83 -1.82
H13 14L C . 3.01 -1.20 1.02
HO13 14L C . 4.56 -0.89 -0.67
H12 14L C . 2.67 -3.56 0.70
HO12 14L C . 0.94 -3.07 -1.39
H11 14L C . 0.10 -3.50 0.58
HO11 14L C . 0.76 -2.23 2.75
H10 14L C . -1.37 -1.76 2.09
H9 14L C . -2.91 -0.05 2.96
H8 14L C . -4.23 2.04 2.48
H7 14L C . -4.20 4.21 1.76
H6 14L C . -3.51 5.82 -0.06
H5 14L C . -1.80 5.32 -1.67
H4 14L C . -0.47 4.67 -3.14
H3 14L C . 1.07 3.81 -4.78
H2 14L C . 1.62 1.33 -4.87
H1 14L C . 0.90 -0.01 -2.96
#